data_3MH7
#
_entry.id   3MH7
#
_cell.length_a   253.929
_cell.length_b   253.929
_cell.length_c   253.929
_cell.angle_alpha   90.00
_cell.angle_beta   90.00
_cell.angle_gamma   90.00
#
_symmetry.space_group_name_H-M   'F 4 3 2'
#
loop_
_entity.id
_entity.type
_entity.pdbx_description
1 polymer 'Protease do'
2 polymer '5-mer peptide'
#
loop_
_entity_poly.entity_id
_entity_poly.type
_entity_poly.pdbx_seq_one_letter_code
_entity_poly.pdbx_strand_id
1 'polypeptide(L)'
;AETSSATTAQQ(MSE)PSLAP(MSE)LEKV(MSE)PSVVSINVEGSTTVNTPR(MSE)PRNFQQFFGDDSPFCQEGSPFQ
SSPFCQGGQGGNGGGQQQKF(MSE)ALGSGVIIDADKGYVVTNNHVVDNATVIKVQLSDGRKFDAK(MSE)VGKDPRSDI
ALIQIQNPKNLTAIK(MSE)ADSDALRVGDYTVAIGNPFGLGETVTSGIVSALGRSGLNAENYENFIQTDAAINRGNAGG
ALVNLNGELIGINTAILAPDGGNIGIGFAIPSN(MSE)VKNLTSQ(MSE)VEYGQVKRGELGI(MSE)GTELNSELAKA
(MSE)KVDAQRGAFVSQVLPNSSAAKAGIKAGDVITSLNGKPISSFAALRAQVGT(MSE)PVGSKLTLGLLRDGKQVNVN
LELQQSSQNQVDSSSIFNGIEGAE(MSE)SNKGKDQGVVVNNVKTGTPAAQIGLKKGDVIIGANQQAVKNIAELRKVLDS
KPSVLALNIQRGDSTIYLL(MSE)QRSHHHHHH
;
A
2 'polypeptide(L)' (UNK)(UNK)(UNK)(UNK)(UNK) B,C
#
# COMPACT_ATOMS: atom_id res chain seq x y z
N GLN A 11 -37.89 10.01 -14.39
CA GLN A 11 -37.67 9.96 -15.84
C GLN A 11 -36.33 10.58 -16.31
N PRO A 13 -32.20 10.36 -15.93
CA PRO A 13 -31.02 9.63 -15.44
C PRO A 13 -30.25 10.40 -14.34
N SER A 14 -29.75 9.68 -13.33
CA SER A 14 -29.03 10.28 -12.22
C SER A 14 -28.11 9.32 -11.46
N LEU A 15 -26.97 9.81 -10.97
CA LEU A 15 -26.13 9.00 -10.07
C LEU A 15 -26.67 8.98 -8.62
N ALA A 16 -27.82 9.61 -8.40
CA ALA A 16 -28.22 9.88 -7.05
C ALA A 16 -28.59 8.60 -6.30
N PRO A 17 -29.46 7.78 -6.89
CA PRO A 17 -29.84 6.50 -6.26
C PRO A 17 -28.64 5.68 -5.80
N LEU A 19 -25.44 6.77 -5.26
CA LEU A 19 -24.64 7.50 -4.30
C LEU A 19 -25.25 7.47 -2.91
N GLU A 20 -26.57 7.32 -2.88
CA GLU A 20 -27.31 7.38 -1.63
C GLU A 20 -26.91 6.19 -0.77
N LYS A 21 -26.75 5.04 -1.40
CA LYS A 21 -26.27 3.85 -0.70
C LYS A 21 -24.76 3.93 -0.37
N VAL A 22 -24.01 4.68 -1.15
CA VAL A 22 -22.56 4.59 -1.16
C VAL A 22 -21.85 5.67 -0.35
N PRO A 24 -22.22 7.13 2.59
CA PRO A 24 -21.90 6.79 3.98
C PRO A 24 -20.55 6.06 4.16
N SER A 25 -20.20 5.21 3.22
CA SER A 25 -18.90 4.55 3.16
C SER A 25 -17.68 5.44 3.16
N VAL A 26 -17.80 6.66 2.67
CA VAL A 26 -16.60 7.47 2.50
C VAL A 26 -16.55 8.47 3.63
N VAL A 27 -15.35 8.75 4.14
CA VAL A 27 -15.23 9.56 5.35
C VAL A 27 -14.19 10.64 5.16
N SER A 28 -14.24 11.66 6.00
CA SER A 28 -13.19 12.69 6.03
C SER A 28 -12.19 12.39 7.14
N ILE A 29 -10.99 12.88 7.01
CA ILE A 29 -9.95 12.52 7.93
C ILE A 29 -9.17 13.76 8.29
N ASN A 30 -9.09 14.02 9.58
CA ASN A 30 -8.28 15.12 10.05
C ASN A 30 -7.17 14.58 10.87
N VAL A 31 -6.02 15.20 10.71
CA VAL A 31 -4.80 14.67 11.28
C VAL A 31 -3.99 15.80 11.90
N GLU A 32 -3.49 15.55 13.11
CA GLU A 32 -2.55 16.43 13.80
C GLU A 32 -1.24 15.69 13.98
N GLY A 33 -0.12 16.31 13.65
CA GLY A 33 1.15 15.63 13.80
C GLY A 33 2.36 16.53 13.98
N SER A 34 3.54 15.91 14.00
CA SER A 34 4.79 16.64 14.09
C SER A 34 5.96 15.80 13.59
N THR A 35 7.03 16.48 13.17
CA THR A 35 8.29 15.82 12.84
C THR A 35 9.48 16.73 13.20
N GLN A 82 7.87 21.30 15.50
CA GLN A 82 7.19 21.48 14.23
C GLN A 82 5.83 20.77 14.19
N LYS A 83 4.75 21.54 14.36
CA LYS A 83 3.40 20.98 14.39
C LYS A 83 2.65 21.21 13.07
N PHE A 84 1.95 20.19 12.60
CA PHE A 84 1.14 20.34 11.39
C PHE A 84 -0.28 19.80 11.53
N ALA A 86 -3.36 18.20 8.74
CA ALA A 86 -3.62 17.74 7.38
C ALA A 86 -5.05 17.24 7.26
N LEU A 87 -5.53 17.09 6.04
CA LEU A 87 -6.83 16.45 5.83
C LEU A 87 -6.93 15.74 4.50
N GLY A 88 -7.71 14.66 4.49
CA GLY A 88 -7.97 13.91 3.28
C GLY A 88 -9.19 13.04 3.52
N SER A 89 -9.33 11.99 2.74
CA SER A 89 -10.52 11.19 2.83
C SER A 89 -10.15 9.77 3.15
N GLY A 90 -11.15 8.93 3.36
CA GLY A 90 -10.89 7.53 3.61
C GLY A 90 -12.09 6.70 3.24
N VAL A 91 -11.87 5.39 3.09
CA VAL A 91 -13.00 4.52 2.78
C VAL A 91 -13.19 3.39 3.80
N ILE A 92 -14.43 3.25 4.27
CA ILE A 92 -14.78 2.18 5.18
C ILE A 92 -14.83 0.85 4.43
N ILE A 93 -13.94 -0.04 4.87
CA ILE A 93 -13.63 -1.34 4.29
C ILE A 93 -14.32 -2.50 5.02
N ASP A 94 -14.56 -2.31 6.32
CA ASP A 94 -15.25 -3.29 7.20
C ASP A 94 -16.05 -2.55 8.27
N ALA A 95 -17.37 -2.69 8.22
CA ALA A 95 -18.23 -1.83 9.02
C ALA A 95 -18.17 -2.21 10.48
N ASP A 96 -18.03 -3.50 10.72
CA ASP A 96 -18.03 -4.05 12.05
C ASP A 96 -16.78 -3.63 12.85
N LYS A 97 -15.60 -3.81 12.26
CA LYS A 97 -14.35 -3.51 12.94
C LYS A 97 -13.93 -2.05 12.81
N GLY A 98 -14.63 -1.28 12.00
CA GLY A 98 -14.26 0.11 11.76
C GLY A 98 -12.96 0.28 11.02
N TYR A 99 -12.64 -0.62 10.11
CA TYR A 99 -11.45 -0.46 9.28
C TYR A 99 -11.70 0.56 8.17
N VAL A 100 -10.73 1.43 7.98
CA VAL A 100 -10.88 2.52 7.04
C VAL A 100 -9.57 2.63 6.30
N VAL A 101 -9.61 2.53 4.98
CA VAL A 101 -8.39 2.64 4.17
C VAL A 101 -8.14 4.09 3.71
N THR A 102 -6.89 4.43 3.43
CA THR A 102 -6.54 5.79 3.06
C THR A 102 -5.11 5.83 2.55
N ASN A 103 -4.66 6.97 2.05
CA ASN A 103 -3.28 7.09 1.56
C ASN A 103 -2.35 7.21 2.74
N ASN A 104 -1.25 6.48 2.66
CA ASN A 104 -0.25 6.58 3.70
C ASN A 104 0.25 8.01 3.86
N HIS A 105 0.37 8.73 2.75
CA HIS A 105 0.89 10.08 2.84
C HIS A 105 0.00 11.06 3.59
N VAL A 106 -1.20 10.64 3.98
CA VAL A 106 -2.17 11.55 4.60
C VAL A 106 -2.11 11.47 6.09
N VAL A 107 -1.81 10.27 6.55
CA VAL A 107 -1.90 9.93 7.94
C VAL A 107 -0.47 9.65 8.47
N ASP A 108 0.50 9.71 7.58
CA ASP A 108 1.90 9.55 7.96
C ASP A 108 2.36 10.57 8.99
N ASN A 109 3.03 10.09 10.03
CA ASN A 109 3.57 10.95 11.08
C ASN A 109 2.48 11.72 11.78
N ALA A 110 1.40 11.04 12.12
CA ALA A 110 0.29 11.69 12.77
C ALA A 110 0.25 11.31 14.23
N THR A 111 0.08 12.32 15.10
CA THR A 111 -0.08 12.11 16.53
C THR A 111 -1.53 11.82 16.83
N VAL A 112 -2.40 12.52 16.13
CA VAL A 112 -3.85 12.37 16.30
C VAL A 112 -4.59 12.20 14.96
N ILE A 113 -5.55 11.28 14.95
CA ILE A 113 -6.35 11.02 13.77
C ILE A 113 -7.83 10.99 14.09
N LYS A 114 -8.58 11.90 13.48
CA LYS A 114 -10.03 11.90 13.68
C LYS A 114 -10.78 11.74 12.35
N VAL A 115 -11.81 10.91 12.38
CA VAL A 115 -12.58 10.53 11.22
C VAL A 115 -14.00 11.07 11.29
N GLN A 116 -14.50 11.68 10.22
CA GLN A 116 -15.84 12.20 10.29
C GLN A 116 -16.78 11.67 9.22
N LEU A 117 -17.86 11.03 9.65
CA LEU A 117 -18.82 10.45 8.74
C LEU A 117 -19.55 11.51 7.94
N SER A 118 -20.31 11.07 6.94
CA SER A 118 -21.07 11.99 6.11
C SER A 118 -22.24 12.56 6.92
N ASP A 119 -22.65 11.84 7.95
CA ASP A 119 -23.82 12.26 8.73
C ASP A 119 -23.47 13.27 9.81
N GLY A 120 -22.19 13.55 9.99
CA GLY A 120 -21.75 14.50 10.97
C GLY A 120 -20.85 13.91 12.04
N ARG A 121 -21.15 12.67 12.44
CA ARG A 121 -20.44 12.01 13.54
C ARG A 121 -18.93 12.02 13.42
N LYS A 122 -18.24 12.33 14.51
CA LYS A 122 -16.79 12.19 14.59
C LYS A 122 -16.37 11.02 15.45
N PHE A 123 -15.25 10.38 15.10
CA PHE A 123 -14.69 9.31 15.92
C PHE A 123 -13.18 9.51 15.96
N ASP A 124 -12.53 8.86 16.91
CA ASP A 124 -11.07 8.84 16.85
C ASP A 124 -10.65 7.54 16.21
N ALA A 125 -9.56 7.59 15.49
CA ALA A 125 -9.06 6.38 14.88
C ALA A 125 -7.61 6.24 15.25
N LYS A 126 -7.14 4.99 15.27
CA LYS A 126 -5.76 4.70 15.50
C LYS A 126 -5.22 3.93 14.31
N VAL A 128 -3.26 1.04 12.15
CA VAL A 128 -3.04 -0.39 12.28
C VAL A 128 -2.00 -0.90 11.29
N GLY A 129 -1.76 -0.15 10.23
CA GLY A 129 -0.83 -0.59 9.19
C GLY A 129 -0.52 0.58 8.28
N LYS A 130 0.59 0.52 7.57
CA LYS A 130 0.94 1.57 6.62
C LYS A 130 2.03 1.08 5.68
N ASP A 131 1.85 1.29 4.38
CA ASP A 131 2.86 0.89 3.40
C ASP A 131 3.25 2.03 2.47
N PRO A 132 4.37 2.68 2.78
CA PRO A 132 4.87 3.84 2.05
C PRO A 132 5.18 3.50 0.60
N ARG A 133 5.65 2.29 0.32
CA ARG A 133 6.02 1.91 -1.04
C ARG A 133 4.82 1.97 -1.96
N SER A 134 3.66 1.54 -1.49
CA SER A 134 2.45 1.63 -2.28
C SER A 134 1.55 2.82 -1.88
N ASP A 135 1.88 3.47 -0.78
CA ASP A 135 1.11 4.61 -0.30
C ASP A 135 -0.30 4.24 0.14
N ILE A 136 -0.44 3.08 0.76
CA ILE A 136 -1.70 2.71 1.37
C ILE A 136 -1.51 2.58 2.86
N ALA A 137 -2.39 3.21 3.64
CA ALA A 137 -2.42 3.01 5.10
C ALA A 137 -3.80 2.53 5.53
N LEU A 138 -3.84 1.73 6.58
CA LEU A 138 -5.07 1.21 7.14
C LEU A 138 -5.20 1.76 8.55
N ILE A 139 -6.36 2.31 8.88
CA ILE A 139 -6.58 2.77 10.24
C ILE A 139 -7.86 2.16 10.75
N GLN A 140 -8.15 2.42 12.02
CA GLN A 140 -9.31 1.82 12.63
C GLN A 140 -10.01 2.77 13.57
N ILE A 141 -11.32 2.91 13.33
CA ILE A 141 -12.16 3.79 14.12
C ILE A 141 -12.35 3.15 15.49
N GLN A 142 -12.00 3.93 16.50
CA GLN A 142 -12.16 3.48 17.87
C GLN A 142 -13.62 3.54 18.26
N ASN A 143 -14.20 2.39 18.59
CA ASN A 143 -15.58 2.36 19.01
C ASN A 143 -16.59 2.56 17.87
N PRO A 144 -16.43 1.78 16.80
CA PRO A 144 -17.25 1.86 15.59
C PRO A 144 -18.68 1.41 15.85
N LYS A 145 -19.65 2.28 15.54
CA LYS A 145 -21.07 1.98 15.67
C LYS A 145 -21.83 2.36 14.41
N ASN A 146 -22.57 1.41 13.86
CA ASN A 146 -23.55 1.69 12.80
C ASN A 146 -22.94 2.27 11.56
N LEU A 147 -21.94 1.57 11.03
CA LEU A 147 -21.17 2.05 9.90
C LEU A 147 -21.60 1.31 8.63
N THR A 148 -21.19 1.87 7.48
CA THR A 148 -21.48 1.28 6.17
C THR A 148 -20.17 1.03 5.41
N ALA A 149 -19.91 -0.21 5.03
CA ALA A 149 -18.65 -0.46 4.32
C ALA A 149 -18.90 -0.47 2.82
N ILE A 150 -17.85 -0.32 2.03
CA ILE A 150 -18.05 -0.33 0.60
C ILE A 150 -17.77 -1.74 0.09
N LYS A 151 -18.49 -2.19 -0.95
CA LYS A 151 -18.15 -3.45 -1.62
C LYS A 151 -17.09 -3.16 -2.68
N ALA A 153 -14.82 -3.77 -6.15
CA ALA A 153 -15.03 -4.33 -7.47
C ALA A 153 -13.73 -4.93 -7.89
N ASP A 154 -13.75 -5.73 -8.95
CA ASP A 154 -12.52 -6.33 -9.42
C ASP A 154 -11.83 -5.40 -10.41
N SER A 155 -10.80 -4.72 -9.95
CA SER A 155 -10.16 -3.69 -10.76
C SER A 155 -9.59 -4.25 -12.06
N ASP A 156 -9.32 -5.55 -12.10
CA ASP A 156 -8.77 -6.16 -13.31
C ASP A 156 -9.74 -6.20 -14.50
N ALA A 157 -11.03 -5.99 -14.23
CA ALA A 157 -12.05 -5.96 -15.28
C ALA A 157 -12.39 -4.54 -15.75
N LEU A 158 -11.55 -3.58 -15.39
CA LEU A 158 -11.76 -2.20 -15.79
C LEU A 158 -11.33 -2.00 -17.22
N ARG A 159 -12.05 -1.15 -17.93
CA ARG A 159 -11.61 -0.77 -19.26
C ARG A 159 -11.63 0.73 -19.43
N VAL A 160 -10.90 1.20 -20.42
CA VAL A 160 -10.68 2.62 -20.54
C VAL A 160 -11.96 3.41 -20.86
N GLY A 161 -12.89 2.87 -21.62
CA GLY A 161 -14.11 3.67 -21.73
C GLY A 161 -14.95 3.94 -20.45
N ASP A 162 -14.60 3.29 -19.35
CA ASP A 162 -15.52 3.09 -18.24
C ASP A 162 -15.86 4.34 -17.43
N TYR A 163 -17.11 4.48 -17.01
CA TYR A 163 -17.48 5.65 -16.23
C TYR A 163 -16.96 5.55 -14.80
N THR A 164 -16.55 6.66 -14.22
CA THR A 164 -16.12 6.63 -12.83
C THR A 164 -16.71 7.79 -12.05
N VAL A 165 -17.02 7.58 -10.78
CA VAL A 165 -17.29 8.72 -9.90
C VAL A 165 -16.33 8.73 -8.71
N ALA A 166 -15.85 9.93 -8.36
CA ALA A 166 -14.92 10.11 -7.25
C ALA A 166 -15.65 10.79 -6.11
N ILE A 167 -15.34 10.37 -4.89
CA ILE A 167 -15.94 10.91 -3.67
C ILE A 167 -14.86 11.21 -2.62
N GLY A 168 -14.91 12.39 -2.01
CA GLY A 168 -13.89 12.75 -1.06
C GLY A 168 -14.04 14.16 -0.58
N ASN A 169 -13.01 14.65 0.11
CA ASN A 169 -13.07 15.94 0.77
C ASN A 169 -12.11 17.00 0.27
N PRO A 170 -12.30 17.49 -0.95
CA PRO A 170 -11.42 18.54 -1.46
C PRO A 170 -11.43 19.76 -0.56
N PHE A 171 -10.25 20.27 -0.22
CA PHE A 171 -10.12 21.48 0.60
C PHE A 171 -11.04 21.46 1.83
N GLY A 172 -11.31 20.29 2.37
CA GLY A 172 -12.16 20.18 3.53
C GLY A 172 -13.53 20.81 3.41
N LEU A 173 -14.04 20.97 2.19
CA LEU A 173 -15.40 21.47 1.99
C LEU A 173 -16.47 20.52 2.54
N GLY A 174 -16.15 19.24 2.63
CA GLY A 174 -17.17 18.26 2.94
C GLY A 174 -17.25 17.26 1.83
N GLU A 175 -18.12 16.26 1.99
CA GLU A 175 -18.16 15.14 1.05
C GLU A 175 -18.63 15.59 -0.32
N THR A 176 -17.69 15.55 -1.26
CA THR A 176 -17.90 16.07 -2.59
C THR A 176 -17.84 14.93 -3.61
N VAL A 177 -18.80 14.85 -4.51
CA VAL A 177 -18.67 13.89 -5.59
C VAL A 177 -18.52 14.55 -6.95
N THR A 178 -17.60 13.99 -7.73
CA THR A 178 -17.36 14.46 -9.07
C THR A 178 -17.24 13.21 -9.94
N SER A 179 -17.42 13.36 -11.25
CA SER A 179 -17.37 12.20 -12.14
C SER A 179 -16.62 12.39 -13.46
N GLY A 180 -16.32 11.27 -14.11
CA GLY A 180 -15.49 11.23 -15.30
C GLY A 180 -15.47 9.86 -15.93
N ILE A 181 -14.35 9.55 -16.58
CA ILE A 181 -14.13 8.22 -17.15
C ILE A 181 -12.73 7.72 -16.82
N VAL A 182 -12.52 6.44 -17.08
CA VAL A 182 -11.19 5.87 -17.04
C VAL A 182 -10.37 6.37 -18.23
N SER A 183 -9.37 7.20 -18.00
CA SER A 183 -8.61 7.70 -19.12
C SER A 183 -7.55 6.71 -19.57
N ALA A 184 -7.11 5.86 -18.64
CA ALA A 184 -5.95 5.04 -18.90
C ALA A 184 -5.78 4.03 -17.78
N LEU A 185 -5.10 2.92 -18.08
CA LEU A 185 -4.79 1.92 -17.05
C LEU A 185 -3.30 1.67 -16.95
N GLY A 186 -2.85 1.27 -15.77
CA GLY A 186 -1.46 0.91 -15.56
C GLY A 186 -0.46 2.04 -15.53
N ARG A 187 -0.89 3.23 -15.17
CA ARG A 187 0.06 4.33 -15.21
C ARG A 187 1.03 4.25 -14.05
N SER A 188 2.32 4.40 -14.35
CA SER A 188 3.33 4.43 -13.30
C SER A 188 4.42 5.40 -13.71
N GLY A 189 5.39 5.60 -12.84
CA GLY A 189 6.45 6.54 -13.13
C GLY A 189 6.40 7.79 -12.26
N LEU A 190 5.25 8.03 -11.62
CA LEU A 190 5.09 9.17 -10.71
C LEU A 190 6.24 9.26 -9.71
N ASN A 191 6.39 8.21 -8.90
CA ASN A 191 7.58 8.00 -8.07
C ASN A 191 8.14 6.59 -8.30
N ALA A 192 9.25 6.51 -9.03
CA ALA A 192 9.78 5.24 -9.54
C ALA A 192 10.28 4.22 -8.49
N GLU A 193 10.38 4.61 -7.22
CA GLU A 193 10.74 3.63 -6.18
C GLU A 193 9.51 2.85 -5.68
N ASN A 194 8.34 3.42 -5.90
CA ASN A 194 7.11 2.82 -5.41
C ASN A 194 6.52 1.80 -6.37
N TYR A 195 5.65 0.95 -5.85
CA TYR A 195 4.82 0.11 -6.69
C TYR A 195 3.67 0.99 -7.14
N GLU A 196 3.45 1.09 -8.44
CA GLU A 196 2.36 1.91 -8.94
C GLU A 196 1.75 1.33 -10.22
N ASN A 197 0.44 1.16 -10.18
CA ASN A 197 -0.31 0.61 -11.29
C ASN A 197 -1.61 1.39 -11.34
N PHE A 198 -1.48 2.69 -11.45
CA PHE A 198 -2.58 3.63 -11.32
C PHE A 198 -3.63 3.58 -12.41
N ILE A 199 -4.89 3.59 -12.00
CA ILE A 199 -5.96 3.95 -12.88
C ILE A 199 -5.89 5.47 -13.07
N GLN A 200 -6.11 5.93 -14.29
CA GLN A 200 -6.12 7.36 -14.56
C GLN A 200 -7.52 7.84 -14.93
N THR A 201 -7.96 8.93 -14.31
CA THR A 201 -9.30 9.44 -14.57
C THR A 201 -9.37 10.95 -14.66
N ASP A 202 -10.40 11.44 -15.36
CA ASP A 202 -10.64 12.87 -15.48
C ASP A 202 -11.83 13.35 -14.64
N ALA A 203 -12.31 12.52 -13.70
CA ALA A 203 -13.19 13.00 -12.64
C ALA A 203 -12.32 13.95 -11.82
N ALA A 204 -12.88 15.07 -11.35
CA ALA A 204 -12.05 16.10 -10.73
C ALA A 204 -11.59 15.64 -9.38
N ILE A 205 -10.30 15.74 -9.14
CA ILE A 205 -9.68 15.36 -7.89
C ILE A 205 -8.77 16.52 -7.51
N ASN A 206 -8.93 17.01 -6.28
CA ASN A 206 -8.04 18.02 -5.72
C ASN A 206 -7.55 17.66 -4.32
N ARG A 207 -6.76 18.55 -3.72
CA ARG A 207 -6.17 18.33 -2.39
C ARG A 207 -7.29 18.11 -1.41
N GLY A 208 -7.26 16.97 -0.72
CA GLY A 208 -8.29 16.64 0.23
C GLY A 208 -9.04 15.42 -0.26
N ASN A 209 -8.81 15.09 -1.52
CA ASN A 209 -9.49 13.95 -2.13
C ASN A 209 -8.73 12.66 -1.84
N ALA A 210 -7.50 12.80 -1.34
CA ALA A 210 -6.59 11.68 -1.18
C ALA A 210 -7.15 10.71 -0.15
N GLY A 211 -7.13 9.42 -0.49
CA GLY A 211 -7.66 8.41 0.39
C GLY A 211 -9.11 8.13 0.10
N GLY A 212 -9.71 8.93 -0.76
CA GLY A 212 -11.12 8.75 -1.09
C GLY A 212 -11.43 7.71 -2.14
N ALA A 213 -12.72 7.56 -2.44
CA ALA A 213 -13.23 6.51 -3.30
C ALA A 213 -13.25 6.82 -4.79
N LEU A 214 -12.81 5.87 -5.57
CA LEU A 214 -13.14 5.89 -6.97
C LEU A 214 -14.03 4.69 -7.20
N VAL A 215 -15.27 4.95 -7.60
CA VAL A 215 -16.22 3.87 -7.79
C VAL A 215 -16.80 3.82 -9.21
N ASN A 216 -17.35 2.68 -9.58
CA ASN A 216 -18.05 2.60 -10.84
C ASN A 216 -19.52 2.94 -10.69
N LEU A 217 -20.27 2.86 -11.79
CA LEU A 217 -21.67 3.23 -11.75
C LEU A 217 -22.51 2.39 -10.77
N ASN A 218 -22.06 1.19 -10.44
CA ASN A 218 -22.78 0.37 -9.47
C ASN A 218 -22.36 0.65 -8.04
N GLY A 219 -21.57 1.68 -7.83
CA GLY A 219 -21.11 1.98 -6.51
C GLY A 219 -20.10 1.01 -5.92
N GLU A 220 -19.46 0.18 -6.75
CA GLU A 220 -18.37 -0.64 -6.23
C GLU A 220 -17.06 0.11 -6.32
N LEU A 221 -16.25 -0.06 -5.30
CA LEU A 221 -14.95 0.56 -5.28
C LEU A 221 -13.98 -0.05 -6.30
N ILE A 222 -13.44 0.80 -7.17
CA ILE A 222 -12.40 0.34 -8.08
C ILE A 222 -11.04 0.94 -7.75
N GLY A 223 -10.98 1.98 -6.92
CA GLY A 223 -9.67 2.54 -6.63
C GLY A 223 -9.68 3.52 -5.49
N ILE A 224 -8.49 3.93 -5.07
CA ILE A 224 -8.36 4.94 -4.03
C ILE A 224 -7.64 6.13 -4.63
N ASN A 225 -8.27 7.29 -4.61
CA ASN A 225 -7.67 8.43 -5.27
C ASN A 225 -6.41 8.85 -4.54
N THR A 226 -5.34 9.05 -5.28
CA THR A 226 -4.04 9.21 -4.67
C THR A 226 -3.28 10.45 -5.08
N ALA A 227 -3.22 10.72 -6.38
CA ALA A 227 -2.41 11.84 -6.85
C ALA A 227 -2.97 12.50 -8.09
N ILE A 228 -2.43 13.66 -8.43
CA ILE A 228 -2.83 14.33 -9.65
C ILE A 228 -1.68 15.00 -10.36
N LEU A 229 -1.65 14.90 -11.66
CA LEU A 229 -0.76 15.74 -12.42
C LEU A 229 -1.40 17.13 -12.46
N ALA A 230 -0.58 18.14 -12.20
CA ALA A 230 -1.12 19.47 -11.97
C ALA A 230 -0.02 20.44 -11.58
N PRO A 231 0.38 21.30 -12.54
CA PRO A 231 1.09 22.53 -12.16
C PRO A 231 0.13 23.44 -11.40
N ASP A 232 0.60 24.04 -10.31
CA ASP A 232 -0.23 24.99 -9.58
C ASP A 232 -1.34 24.32 -8.78
N GLY A 233 -1.08 23.11 -8.30
CA GLY A 233 -1.95 22.43 -7.36
C GLY A 233 -3.47 22.50 -7.59
N GLY A 234 -3.88 22.76 -8.83
CA GLY A 234 -5.28 22.69 -9.21
C GLY A 234 -5.49 21.60 -10.24
N ASN A 235 -6.63 20.93 -10.18
CA ASN A 235 -6.97 19.84 -11.10
C ASN A 235 -7.06 20.31 -12.58
N ILE A 236 -6.49 19.55 -13.49
CA ILE A 236 -6.58 19.86 -14.92
C ILE A 236 -7.11 18.71 -15.77
N GLY A 237 -7.65 17.67 -15.14
CA GLY A 237 -8.19 16.58 -15.94
C GLY A 237 -7.41 15.31 -15.84
N ILE A 238 -6.34 15.30 -15.06
CA ILE A 238 -5.52 14.10 -14.92
C ILE A 238 -5.29 13.72 -13.46
N GLY A 239 -5.91 12.63 -13.00
CA GLY A 239 -5.73 12.16 -11.64
C GLY A 239 -5.59 10.65 -11.60
N PHE A 240 -5.06 10.12 -10.49
CA PHE A 240 -4.66 8.72 -10.41
C PHE A 240 -5.19 8.06 -9.15
N ALA A 241 -5.61 6.79 -9.28
CA ALA A 241 -6.07 6.06 -8.12
C ALA A 241 -5.37 4.73 -8.09
N ILE A 242 -5.11 4.19 -6.91
CA ILE A 242 -4.55 2.84 -6.79
C ILE A 242 -5.65 1.85 -7.11
N PRO A 243 -5.38 0.90 -8.02
CA PRO A 243 -6.48 -0.02 -8.36
C PRO A 243 -6.92 -0.78 -7.12
N SER A 244 -8.17 -1.23 -7.09
CA SER A 244 -8.70 -1.82 -5.87
C SER A 244 -8.16 -3.22 -5.56
N ASN A 245 -7.76 -4.00 -6.56
CA ASN A 245 -7.19 -5.31 -6.25
C ASN A 245 -5.98 -5.11 -5.34
N VAL A 247 -5.35 -2.60 -3.21
CA VAL A 247 -5.89 -2.28 -1.90
C VAL A 247 -6.39 -3.52 -1.15
N LYS A 248 -7.10 -4.40 -1.86
CA LYS A 248 -7.63 -5.62 -1.24
C LYS A 248 -6.53 -6.49 -0.64
N ASN A 249 -5.39 -6.58 -1.32
CA ASN A 249 -4.26 -7.40 -0.84
C ASN A 249 -3.53 -6.69 0.28
N LEU A 250 -3.00 -5.52 -0.03
CA LEU A 250 -2.25 -4.77 0.95
C LEU A 250 -3.03 -4.65 2.26
N THR A 251 -4.27 -4.20 2.20
CA THR A 251 -4.97 -4.04 3.46
C THR A 251 -5.12 -5.37 4.16
N SER A 252 -5.63 -6.38 3.49
CA SER A 252 -5.88 -7.62 4.21
C SER A 252 -4.66 -8.11 5.02
N GLN A 253 -3.46 -7.90 4.47
CA GLN A 253 -2.25 -8.24 5.19
C GLN A 253 -2.15 -7.43 6.46
N VAL A 255 -4.21 -5.99 8.22
CA VAL A 255 -5.17 -6.36 9.23
C VAL A 255 -4.57 -7.42 10.13
N GLU A 256 -4.08 -8.48 9.49
CA GLU A 256 -3.56 -9.63 10.19
C GLU A 256 -2.12 -9.57 10.72
N TYR A 257 -1.42 -8.47 10.56
CA TYR A 257 0.01 -8.51 10.87
C TYR A 257 0.62 -7.16 11.20
N GLY A 258 0.05 -6.09 10.68
CA GLY A 258 0.54 -4.77 11.02
C GLY A 258 1.49 -4.27 9.96
N GLN A 259 1.88 -5.18 9.07
CA GLN A 259 2.70 -4.80 7.92
C GLN A 259 2.42 -5.73 6.76
N VAL A 260 3.10 -5.48 5.64
CA VAL A 260 3.01 -6.36 4.49
C VAL A 260 4.28 -7.21 4.37
N LYS A 261 4.11 -8.52 4.30
CA LYS A 261 5.22 -9.42 4.08
C LYS A 261 5.40 -9.57 2.58
N ARG A 262 6.42 -8.89 2.07
CA ARG A 262 6.67 -8.75 0.65
C ARG A 262 7.39 -9.96 0.07
N GLY A 263 6.82 -10.55 -0.98
CA GLY A 263 7.44 -11.68 -1.65
C GLY A 263 8.13 -11.26 -2.93
N GLU A 264 9.14 -12.01 -3.36
CA GLU A 264 9.83 -11.69 -4.61
C GLU A 264 10.08 -12.91 -5.50
N LEU A 265 10.12 -12.66 -6.81
CA LEU A 265 10.49 -13.69 -7.77
C LEU A 265 12.00 -13.76 -7.88
N GLY A 266 12.63 -12.59 -7.72
CA GLY A 266 14.06 -12.53 -7.76
C GLY A 266 14.50 -12.53 -9.20
N ILE A 267 14.01 -11.56 -9.95
CA ILE A 267 14.52 -11.32 -11.27
C ILE A 267 14.77 -9.83 -11.39
N GLY A 269 14.88 -6.70 -14.10
CA GLY A 269 14.22 -6.46 -15.37
C GLY A 269 14.22 -5.02 -15.81
N THR A 270 13.44 -4.77 -16.84
CA THR A 270 13.22 -3.42 -17.32
C THR A 270 12.15 -3.43 -18.39
N GLU A 271 11.62 -2.25 -18.68
CA GLU A 271 10.54 -2.15 -19.63
C GLU A 271 11.01 -2.66 -20.98
N LEU A 272 10.22 -3.53 -21.60
CA LEU A 272 10.51 -3.93 -22.96
C LEU A 272 9.97 -2.91 -23.98
N ASN A 273 10.78 -1.93 -24.35
CA ASN A 273 10.39 -0.99 -25.38
C ASN A 273 10.70 -1.52 -26.79
N SER A 274 10.13 -0.89 -27.81
CA SER A 274 10.28 -1.33 -29.21
C SER A 274 11.73 -1.45 -29.69
N GLU A 275 12.56 -0.48 -29.34
CA GLU A 275 13.98 -0.57 -29.66
C GLU A 275 14.61 -1.84 -29.08
N LEU A 276 14.50 -2.03 -27.77
CA LEU A 276 15.04 -3.21 -27.12
C LEU A 276 14.54 -4.51 -27.77
N ALA A 277 13.31 -4.49 -28.24
CA ALA A 277 12.70 -5.65 -28.86
C ALA A 277 13.38 -6.05 -30.18
N LYS A 278 13.89 -5.08 -30.92
CA LYS A 278 14.60 -5.34 -32.17
C LYS A 278 15.95 -5.95 -31.83
N ALA A 279 16.70 -5.21 -31.00
CA ALA A 279 17.95 -5.70 -30.46
C ALA A 279 17.79 -7.17 -30.11
N LYS A 281 15.29 -9.33 -31.17
CA LYS A 281 14.41 -10.07 -32.08
C LYS A 281 13.19 -10.65 -31.36
N VAL A 282 12.42 -9.82 -30.66
CA VAL A 282 11.16 -10.31 -30.11
C VAL A 282 9.94 -9.61 -30.71
N ASP A 283 8.91 -10.41 -30.98
CA ASP A 283 7.63 -9.89 -31.48
C ASP A 283 6.73 -9.52 -30.33
N ALA A 284 6.82 -8.25 -29.93
CA ALA A 284 6.23 -7.76 -28.71
C ALA A 284 6.87 -6.41 -28.45
N GLN A 285 6.03 -5.39 -28.24
CA GLN A 285 6.53 -4.04 -28.03
C GLN A 285 6.35 -3.59 -26.58
N ARG A 286 5.89 -4.52 -25.75
CA ARG A 286 5.59 -4.24 -24.36
C ARG A 286 5.70 -5.49 -23.50
N GLY A 287 6.16 -5.33 -22.27
CA GLY A 287 6.29 -6.47 -21.38
C GLY A 287 7.45 -6.28 -20.42
N ALA A 288 7.73 -7.32 -19.65
CA ALA A 288 8.88 -7.24 -18.74
C ALA A 288 10.02 -8.06 -19.31
N PHE A 289 11.16 -7.39 -19.49
CA PHE A 289 12.34 -8.05 -20.02
C PHE A 289 13.16 -8.56 -18.86
N VAL A 290 13.50 -9.83 -18.87
CA VAL A 290 14.33 -10.39 -17.82
C VAL A 290 15.81 -10.18 -18.12
N SER A 291 16.41 -9.27 -17.36
CA SER A 291 17.82 -8.94 -17.46
C SER A 291 18.66 -10.03 -16.80
N GLN A 292 18.15 -10.62 -15.73
CA GLN A 292 18.83 -11.72 -15.05
C GLN A 292 18.02 -12.29 -13.90
N VAL A 293 18.22 -13.58 -13.60
CA VAL A 293 17.54 -14.21 -12.46
C VAL A 293 18.51 -14.48 -11.31
N LEU A 294 18.06 -14.26 -10.09
CA LEU A 294 18.90 -14.48 -8.91
C LEU A 294 18.98 -15.97 -8.61
N PRO A 295 20.13 -16.40 -8.08
CA PRO A 295 20.39 -17.80 -7.79
C PRO A 295 19.65 -18.20 -6.54
N ASN A 296 19.05 -19.38 -6.55
CA ASN A 296 18.24 -19.80 -5.42
C ASN A 296 17.04 -18.90 -5.20
N SER A 297 16.45 -18.46 -6.29
CA SER A 297 15.25 -17.67 -6.23
C SER A 297 14.13 -18.51 -6.79
N SER A 298 12.90 -18.03 -6.62
CA SER A 298 11.72 -18.71 -7.13
C SER A 298 11.88 -18.80 -8.62
N ALA A 299 12.20 -17.67 -9.24
CA ALA A 299 12.38 -17.63 -10.68
C ALA A 299 13.37 -18.69 -11.08
N ALA A 300 14.59 -18.58 -10.54
CA ALA A 300 15.63 -19.59 -10.74
C ALA A 300 15.03 -20.98 -10.78
N LYS A 301 14.55 -21.45 -9.63
CA LYS A 301 13.98 -22.77 -9.52
C LYS A 301 12.96 -23.09 -10.60
N ALA A 302 12.17 -22.08 -10.98
CA ALA A 302 11.07 -22.29 -11.91
C ALA A 302 11.52 -22.47 -13.36
N GLY A 303 12.74 -22.06 -13.68
CA GLY A 303 13.29 -22.24 -15.01
C GLY A 303 13.29 -21.01 -15.90
N ILE A 304 13.14 -19.86 -15.28
CA ILE A 304 13.18 -18.61 -16.02
C ILE A 304 14.62 -18.23 -16.31
N LYS A 305 14.88 -17.91 -17.57
CA LYS A 305 16.24 -17.54 -17.97
C LYS A 305 16.32 -16.05 -18.28
N ALA A 306 17.50 -15.45 -18.07
CA ALA A 306 17.70 -14.07 -18.50
C ALA A 306 17.37 -14.00 -19.98
N GLY A 307 17.16 -12.78 -20.47
CA GLY A 307 16.67 -12.57 -21.82
C GLY A 307 15.32 -13.22 -22.08
N ASP A 308 14.53 -13.43 -21.04
CA ASP A 308 13.15 -13.86 -21.24
C ASP A 308 12.24 -12.65 -21.24
N VAL A 309 11.09 -12.78 -21.87
CA VAL A 309 10.08 -11.73 -21.76
C VAL A 309 8.79 -12.22 -21.12
N ILE A 310 8.38 -11.53 -20.07
CA ILE A 310 7.17 -11.90 -19.36
C ILE A 310 6.00 -11.10 -19.95
N THR A 311 4.98 -11.81 -20.41
CA THR A 311 3.90 -11.18 -21.14
C THR A 311 2.59 -11.21 -20.39
N SER A 312 2.47 -12.14 -19.46
CA SER A 312 1.23 -12.30 -18.75
C SER A 312 1.47 -12.81 -17.34
N LEU A 313 0.70 -12.31 -16.39
CA LEU A 313 0.68 -12.87 -15.05
C LEU A 313 -0.69 -13.50 -14.83
N ASN A 314 -0.73 -14.74 -14.34
CA ASN A 314 -2.00 -15.40 -14.09
C ASN A 314 -3.08 -15.11 -15.13
N GLY A 315 -2.76 -15.33 -16.40
CA GLY A 315 -3.71 -15.17 -17.47
C GLY A 315 -3.78 -13.73 -17.94
N LYS A 316 -3.59 -12.81 -17.00
CA LYS A 316 -3.69 -11.40 -17.31
C LYS A 316 -2.46 -10.85 -18.03
N PRO A 317 -2.65 -10.40 -19.28
CA PRO A 317 -1.58 -9.80 -20.08
C PRO A 317 -0.90 -8.73 -19.28
N ILE A 318 0.37 -8.50 -19.53
CA ILE A 318 1.13 -7.57 -18.69
C ILE A 318 1.51 -6.29 -19.40
N SER A 319 0.83 -5.22 -18.99
CA SER A 319 1.12 -3.86 -19.44
C SER A 319 2.63 -3.62 -19.58
N SER A 320 3.36 -3.84 -18.49
CA SER A 320 4.78 -3.46 -18.41
C SER A 320 5.50 -4.10 -17.21
N PHE A 321 6.76 -3.74 -17.04
CA PHE A 321 7.53 -4.25 -15.93
C PHE A 321 6.99 -3.71 -14.59
N ALA A 322 6.78 -2.40 -14.56
CA ALA A 322 6.25 -1.73 -13.39
C ALA A 322 4.97 -2.41 -12.91
N ALA A 323 4.04 -2.61 -13.82
CA ALA A 323 2.79 -3.25 -13.48
C ALA A 323 3.09 -4.59 -12.82
N LEU A 324 4.01 -5.34 -13.43
CA LEU A 324 4.37 -6.64 -12.91
C LEU A 324 4.89 -6.47 -11.50
N ARG A 325 5.90 -5.62 -11.36
CA ARG A 325 6.42 -5.34 -10.04
C ARG A 325 5.27 -5.07 -9.07
N ALA A 326 4.38 -4.17 -9.47
CA ALA A 326 3.28 -3.73 -8.64
C ALA A 326 2.33 -4.87 -8.25
N GLN A 327 1.95 -5.68 -9.22
CA GLN A 327 1.16 -6.88 -8.92
C GLN A 327 1.80 -7.73 -7.82
N VAL A 328 2.91 -8.38 -8.15
CA VAL A 328 3.52 -9.31 -7.23
C VAL A 328 3.96 -8.58 -5.98
N GLY A 329 4.40 -7.34 -6.15
CA GLY A 329 4.83 -6.51 -5.04
C GLY A 329 3.77 -6.37 -3.95
N THR A 330 2.56 -6.86 -4.23
CA THR A 330 1.47 -6.75 -3.29
C THR A 330 0.88 -8.09 -2.92
N PRO A 332 1.20 -11.69 -0.98
CA PRO A 332 1.89 -12.20 0.21
C PRO A 332 2.79 -13.39 -0.10
N VAL A 333 3.90 -13.47 0.63
CA VAL A 333 4.84 -14.57 0.48
C VAL A 333 4.11 -15.90 0.50
N GLY A 334 4.52 -16.82 -0.36
CA GLY A 334 3.92 -18.13 -0.35
C GLY A 334 2.82 -18.22 -1.39
N SER A 335 2.46 -17.08 -1.97
CA SER A 335 1.44 -17.10 -3.01
C SER A 335 1.88 -17.96 -4.19
N LYS A 336 0.95 -18.72 -4.77
CA LYS A 336 1.27 -19.51 -5.94
C LYS A 336 0.73 -18.81 -7.18
N LEU A 337 1.61 -18.52 -8.13
CA LEU A 337 1.21 -17.81 -9.35
C LEU A 337 1.78 -18.50 -10.58
N THR A 338 1.38 -18.01 -11.76
CA THR A 338 1.86 -18.59 -13.02
C THR A 338 2.18 -17.50 -14.04
N LEU A 339 3.31 -17.68 -14.72
CA LEU A 339 3.82 -16.63 -15.59
C LEU A 339 3.78 -17.00 -17.06
N GLY A 340 3.31 -16.03 -17.86
CA GLY A 340 3.33 -16.12 -19.30
C GLY A 340 4.68 -15.63 -19.78
N LEU A 341 5.43 -16.55 -20.39
CA LEU A 341 6.80 -16.31 -20.79
C LEU A 341 6.96 -16.36 -22.27
N LEU A 342 8.01 -15.73 -22.75
CA LEU A 342 8.30 -15.70 -24.17
C LEU A 342 9.82 -15.76 -24.37
N ARG A 343 10.34 -16.97 -24.56
CA ARG A 343 11.78 -17.11 -24.84
C ARG A 343 12.04 -17.64 -26.25
N ASP A 344 12.94 -16.96 -26.94
CA ASP A 344 13.22 -17.20 -28.35
C ASP A 344 11.92 -17.50 -29.13
N GLY A 345 11.12 -16.45 -29.29
CA GLY A 345 9.91 -16.52 -30.09
C GLY A 345 8.91 -17.58 -29.65
N LYS A 346 9.28 -18.40 -28.68
CA LYS A 346 8.37 -19.44 -28.21
C LYS A 346 7.68 -19.09 -26.88
N GLN A 347 6.36 -19.27 -26.86
CA GLN A 347 5.56 -19.06 -25.65
C GLN A 347 5.91 -20.10 -24.59
N VAL A 348 6.01 -19.67 -23.33
CA VAL A 348 6.28 -20.56 -22.20
C VAL A 348 5.31 -20.33 -21.04
N ASN A 349 5.02 -21.39 -20.29
CA ASN A 349 4.18 -21.29 -19.10
C ASN A 349 4.84 -21.83 -17.83
N VAL A 350 4.97 -20.99 -16.82
CA VAL A 350 5.71 -21.41 -15.65
C VAL A 350 4.96 -21.17 -14.33
N ASN A 351 5.08 -22.12 -13.40
CA ASN A 351 4.45 -22.06 -12.09
C ASN A 351 5.44 -21.63 -11.01
N LEU A 352 5.08 -20.60 -10.26
CA LEU A 352 6.00 -20.05 -9.27
C LEU A 352 5.41 -19.96 -7.87
N GLU A 353 6.29 -19.88 -6.88
CA GLU A 353 5.87 -19.66 -5.51
C GLU A 353 6.63 -18.50 -4.94
N LEU A 354 5.91 -17.41 -4.68
CA LEU A 354 6.50 -16.22 -4.11
C LEU A 354 7.32 -16.53 -2.85
N GLN A 355 8.51 -15.96 -2.79
CA GLN A 355 9.41 -16.31 -1.71
C GLN A 355 9.79 -15.11 -0.87
N GLN A 356 10.70 -15.33 0.07
CA GLN A 356 11.05 -14.34 1.07
C GLN A 356 11.51 -13.05 0.44
N SER A 357 12.40 -12.33 1.12
CA SER A 357 12.84 -11.03 0.61
C SER A 357 13.61 -10.23 1.65
N SER A 358 14.07 -9.06 1.24
CA SER A 358 14.83 -8.14 2.06
C SER A 358 14.14 -6.78 2.07
N GLN A 359 12.82 -6.81 1.91
CA GLN A 359 11.98 -5.61 1.86
C GLN A 359 12.32 -4.61 2.96
N ASN A 360 12.57 -3.36 2.56
CA ASN A 360 12.82 -2.29 3.52
C ASN A 360 11.54 -1.60 3.96
N GLN A 361 11.09 -1.94 5.17
CA GLN A 361 9.79 -1.50 5.66
C GLN A 361 9.84 -1.12 7.13
N VAL A 362 8.68 -0.67 7.62
CA VAL A 362 8.45 -0.33 9.03
C VAL A 362 9.71 0.03 9.80
N ASP A 363 10.05 1.31 9.81
CA ASP A 363 11.13 1.82 10.63
C ASP A 363 10.63 1.85 12.09
N SER A 364 11.56 1.92 13.05
CA SER A 364 11.17 2.05 14.45
C SER A 364 10.28 3.29 14.65
N SER A 365 10.37 4.22 13.70
CA SER A 365 9.63 5.47 13.79
C SER A 365 8.14 5.30 13.52
N SER A 366 7.81 4.45 12.55
CA SER A 366 6.42 4.26 12.14
C SER A 366 5.58 3.63 13.25
N ILE A 367 6.25 3.06 14.25
CA ILE A 367 5.57 2.41 15.38
C ILE A 367 5.74 3.17 16.70
N PHE A 368 6.81 3.94 16.82
CA PHE A 368 7.06 4.72 18.04
C PHE A 368 6.69 6.18 17.88
N ASN A 369 6.44 6.57 16.63
CA ASN A 369 6.16 7.97 16.32
C ASN A 369 7.24 8.90 16.87
N GLY A 370 8.35 9.01 16.14
CA GLY A 370 9.41 9.94 16.51
C GLY A 370 10.70 9.30 17.02
N ILE A 371 10.69 8.00 17.28
CA ILE A 371 11.89 7.33 17.77
C ILE A 371 12.72 6.79 16.62
N GLU A 372 13.51 7.68 16.00
CA GLU A 372 14.40 7.27 14.92
C GLU A 372 15.21 6.09 15.39
N GLY A 373 15.69 5.29 14.45
CA GLY A 373 16.57 4.19 14.77
C GLY A 373 16.34 3.00 13.87
N ALA A 374 16.84 1.86 14.33
CA ALA A 374 16.68 0.60 13.62
C ALA A 374 15.31 0.40 12.97
N GLU A 375 15.30 -0.33 11.88
CA GLU A 375 14.06 -0.69 11.23
C GLU A 375 13.56 -1.95 11.92
N SER A 377 10.45 -5.40 11.79
CA SER A 377 9.53 -6.19 10.99
C SER A 377 9.15 -7.41 11.78
N ASN A 378 8.03 -8.03 11.41
CA ASN A 378 7.62 -9.25 12.07
C ASN A 378 8.74 -10.29 12.01
N LYS A 379 8.45 -11.50 12.46
CA LYS A 379 9.45 -12.55 12.42
C LYS A 379 8.75 -13.91 12.38
N GLY A 380 9.10 -14.71 11.38
CA GLY A 380 8.51 -16.03 11.21
C GLY A 380 6.99 -15.99 11.38
N LYS A 381 6.46 -17.04 12.00
CA LYS A 381 5.06 -17.02 12.42
C LYS A 381 4.90 -15.89 13.42
N ASP A 382 3.89 -15.99 14.27
CA ASP A 382 3.69 -14.93 15.23
C ASP A 382 4.73 -14.98 16.36
N GLN A 383 5.97 -14.65 16.00
CA GLN A 383 7.11 -14.86 16.88
C GLN A 383 7.58 -13.57 17.53
N GLY A 384 6.95 -12.46 17.18
CA GLY A 384 7.32 -11.17 17.72
C GLY A 384 7.92 -10.23 16.69
N VAL A 385 8.20 -9.01 17.12
CA VAL A 385 8.81 -8.02 16.23
C VAL A 385 10.33 -8.07 16.30
N VAL A 386 10.98 -8.20 15.15
CA VAL A 386 12.43 -8.23 15.08
C VAL A 386 13.00 -6.89 14.66
N VAL A 387 14.05 -6.47 15.34
CA VAL A 387 14.73 -5.24 14.98
C VAL A 387 15.78 -5.54 13.88
N ASN A 388 15.58 -4.90 12.72
CA ASN A 388 16.36 -5.19 11.51
C ASN A 388 17.81 -4.72 11.61
N ASN A 389 17.98 -3.40 11.73
CA ASN A 389 19.29 -2.78 11.66
C ASN A 389 19.31 -1.41 12.35
N VAL A 390 19.97 -1.34 13.50
CA VAL A 390 20.10 -0.08 14.26
C VAL A 390 21.13 0.86 13.61
N LYS A 391 20.86 2.17 13.65
CA LYS A 391 21.80 3.14 13.10
C LYS A 391 22.95 3.46 14.07
N THR A 392 23.00 4.68 14.58
CA THR A 392 24.09 5.07 15.48
C THR A 392 23.66 6.19 16.42
N GLY A 393 23.53 7.38 15.87
CA GLY A 393 23.07 8.53 16.62
C GLY A 393 21.56 8.54 16.69
N THR A 394 20.94 7.50 16.16
CA THR A 394 19.49 7.36 16.19
C THR A 394 18.96 7.06 17.60
N PRO A 395 17.97 7.86 18.05
CA PRO A 395 17.40 7.84 19.41
C PRO A 395 17.02 6.45 19.92
N ALA A 396 16.64 5.55 19.01
CA ALA A 396 16.27 4.19 19.38
C ALA A 396 17.43 3.42 20.03
N ALA A 397 18.55 3.35 19.34
CA ALA A 397 19.75 2.73 19.90
C ALA A 397 20.19 3.48 21.16
N GLN A 398 19.70 4.70 21.30
CA GLN A 398 19.97 5.53 22.49
C GLN A 398 19.05 5.18 23.65
N ILE A 399 18.38 4.03 23.54
CA ILE A 399 17.60 3.49 24.66
C ILE A 399 18.01 2.03 24.83
N GLY A 400 19.10 1.66 24.18
CA GLY A 400 19.63 0.33 24.27
C GLY A 400 19.11 -0.55 23.16
N LEU A 401 18.62 0.06 22.09
CA LEU A 401 18.13 -0.73 20.98
C LEU A 401 19.24 -1.27 20.08
N LYS A 402 19.36 -2.60 20.06
CA LYS A 402 20.39 -3.24 19.27
C LYS A 402 19.81 -4.24 18.25
N LYS A 403 20.23 -4.10 17.00
CA LYS A 403 19.81 -4.99 15.93
C LYS A 403 19.94 -6.45 16.34
N GLY A 404 18.98 -7.27 15.93
CA GLY A 404 18.97 -8.68 16.31
C GLY A 404 18.10 -8.94 17.51
N ASP A 405 17.61 -7.87 18.13
CA ASP A 405 16.67 -7.97 19.24
C ASP A 405 15.29 -8.44 18.78
N VAL A 406 14.62 -9.23 19.61
CA VAL A 406 13.30 -9.77 19.26
C VAL A 406 12.22 -9.46 20.31
N ILE A 407 11.64 -8.27 20.21
CA ILE A 407 10.53 -7.87 21.05
C ILE A 407 9.44 -8.95 21.17
N ILE A 408 9.37 -9.59 22.33
CA ILE A 408 8.47 -10.72 22.51
C ILE A 408 7.29 -10.36 23.45
N GLY A 409 7.33 -9.17 24.03
CA GLY A 409 6.22 -8.67 24.84
C GLY A 409 6.40 -7.21 25.19
N ALA A 410 5.35 -6.57 25.70
CA ALA A 410 5.47 -5.19 26.20
C ALA A 410 4.42 -4.90 27.25
N ASN A 411 4.89 -4.41 28.41
CA ASN A 411 4.00 -4.11 29.53
C ASN A 411 3.14 -5.29 29.92
N GLN A 412 3.76 -6.47 29.94
CA GLN A 412 3.07 -7.65 30.41
C GLN A 412 2.00 -8.10 29.42
N GLN A 413 2.13 -7.63 28.19
CA GLN A 413 1.31 -8.12 27.09
C GLN A 413 2.20 -8.78 26.04
N ALA A 414 1.70 -9.85 25.43
CA ALA A 414 2.48 -10.62 24.45
C ALA A 414 2.48 -9.96 23.09
N VAL A 415 3.64 -9.91 22.45
CA VAL A 415 3.72 -9.32 21.14
C VAL A 415 4.09 -10.36 20.08
N LYS A 416 3.11 -10.74 19.27
CA LYS A 416 3.30 -11.71 18.19
C LYS A 416 3.72 -11.03 16.91
N ASN A 417 3.26 -9.80 16.71
CA ASN A 417 3.59 -9.07 15.51
C ASN A 417 3.38 -7.59 15.71
N ILE A 418 3.63 -6.82 14.67
CA ILE A 418 3.59 -5.37 14.77
C ILE A 418 2.23 -4.81 15.16
N ALA A 419 1.14 -5.50 14.81
CA ALA A 419 -0.21 -5.02 15.17
C ALA A 419 -0.39 -5.06 16.67
N GLU A 420 -0.22 -6.24 17.26
CA GLU A 420 -0.22 -6.36 18.72
C GLU A 420 0.61 -5.29 19.42
N LEU A 421 1.84 -5.13 18.99
CA LEU A 421 2.71 -4.11 19.55
C LEU A 421 2.05 -2.72 19.53
N ARG A 422 1.59 -2.33 18.35
CA ARG A 422 1.04 -1.01 18.14
C ARG A 422 -0.19 -0.89 19.03
N LYS A 423 -0.75 -2.03 19.42
CA LYS A 423 -1.94 -2.05 20.27
C LYS A 423 -1.64 -1.61 21.72
N VAL A 424 -0.59 -2.17 22.31
CA VAL A 424 -0.12 -1.73 23.61
C VAL A 424 0.21 -0.23 23.58
N LEU A 425 0.80 0.22 22.49
CA LEU A 425 1.11 1.64 22.31
C LEU A 425 -0.15 2.51 22.16
N ASP A 426 -1.22 1.93 21.64
CA ASP A 426 -2.47 2.69 21.49
C ASP A 426 -3.01 3.14 22.84
N SER A 427 -2.78 2.35 23.88
CA SER A 427 -3.23 2.70 25.22
C SER A 427 -2.45 3.89 25.77
N LYS A 428 -1.31 4.17 25.14
CA LYS A 428 -0.47 5.30 25.52
C LYS A 428 -0.02 5.27 26.98
N PRO A 429 0.78 4.26 27.34
CA PRO A 429 1.37 4.20 28.68
C PRO A 429 2.42 5.29 28.83
N SER A 430 2.73 5.58 30.08
CA SER A 430 3.70 6.60 30.47
C SER A 430 5.10 6.01 30.31
N VAL A 431 5.21 4.75 30.74
CA VAL A 431 6.45 4.02 30.62
C VAL A 431 6.17 2.74 29.83
N LEU A 432 7.01 2.51 28.85
CA LEU A 432 6.90 1.36 27.97
C LEU A 432 7.98 0.37 28.36
N ALA A 433 7.60 -0.80 28.85
CA ALA A 433 8.56 -1.80 29.27
C ALA A 433 8.66 -2.91 28.23
N LEU A 434 9.68 -2.81 27.37
CA LEU A 434 9.89 -3.82 26.33
C LEU A 434 10.54 -5.07 26.89
N ASN A 435 9.95 -6.21 26.56
CA ASN A 435 10.50 -7.49 26.91
C ASN A 435 11.13 -8.12 25.69
N ILE A 436 12.46 -8.02 25.58
CA ILE A 436 13.21 -8.40 24.39
C ILE A 436 14.07 -9.65 24.61
N GLN A 437 14.46 -10.32 23.54
CA GLN A 437 15.52 -11.34 23.64
C GLN A 437 16.73 -10.99 22.79
N ARG A 438 17.87 -10.84 23.47
CA ARG A 438 19.18 -10.75 22.85
C ARG A 438 19.82 -12.10 23.08
N GLY A 439 20.33 -12.70 22.00
CA GLY A 439 20.88 -14.03 22.11
C GLY A 439 20.01 -14.87 23.02
N ASP A 440 20.65 -15.63 23.90
CA ASP A 440 19.92 -16.56 24.76
C ASP A 440 19.47 -15.92 26.08
N SER A 441 19.21 -14.61 26.03
CA SER A 441 18.85 -13.88 27.23
C SER A 441 17.60 -13.02 27.06
N THR A 442 16.74 -13.07 28.06
CA THR A 442 15.65 -12.12 28.19
C THR A 442 16.13 -10.84 28.85
N ILE A 443 15.78 -9.70 28.26
CA ILE A 443 16.08 -8.42 28.89
C ILE A 443 14.87 -7.48 28.80
N TYR A 444 14.97 -6.31 29.41
CA TYR A 444 13.88 -5.34 29.36
C TYR A 444 14.41 -3.98 28.97
N LEU A 445 13.77 -3.34 28.00
CA LEU A 445 14.13 -1.97 27.63
C LEU A 445 13.03 -0.99 28.00
N LEU A 446 13.42 0.14 28.58
CA LEU A 446 12.42 1.05 29.11
C LEU A 446 12.32 2.35 28.33
N GLN A 448 9.74 6.28 27.88
CA GLN A 448 8.78 7.23 28.47
C GLN A 448 8.06 8.09 27.42
N UNK B 1 4.04 18.80 -12.88
CA UNK B 1 4.47 18.28 -11.58
C UNK B 1 3.41 17.41 -10.90
N UNK B 2 3.79 16.17 -10.56
CA UNK B 2 2.91 15.26 -9.80
C UNK B 2 2.73 15.78 -8.37
N UNK B 3 1.51 15.74 -7.88
CA UNK B 3 1.16 16.23 -6.55
C UNK B 3 0.25 15.19 -5.88
N UNK B 4 0.64 14.72 -4.70
CA UNK B 4 -0.22 13.84 -3.92
C UNK B 4 -1.38 14.69 -3.35
N UNK B 5 -2.61 14.30 -3.62
CA UNK B 5 -3.76 15.15 -3.26
C UNK B 5 -4.20 15.00 -1.78
N UNK C 1 17.58 2.27 -15.91
CA UNK C 1 18.11 1.42 -14.84
C UNK C 1 17.30 0.14 -14.68
N UNK C 2 17.96 -0.89 -14.17
CA UNK C 2 17.33 -2.18 -13.89
C UNK C 2 16.55 -2.10 -12.56
N UNK C 3 15.58 -2.99 -12.36
CA UNK C 3 14.79 -3.00 -11.13
C UNK C 3 14.40 -4.43 -10.76
N UNK C 4 14.20 -4.67 -9.46
CA UNK C 4 13.96 -6.02 -8.95
C UNK C 4 12.48 -6.31 -8.74
N UNK C 5 12.05 -7.49 -9.18
CA UNK C 5 10.71 -7.95 -8.91
C UNK C 5 10.78 -9.37 -8.36
#